data_5LPF
#
_entry.id   5LPF
#
_cell.length_a   53.602
_cell.length_b   66.841
_cell.length_c   57.900
_cell.angle_alpha   90.000
_cell.angle_beta   104.290
_cell.angle_gamma   90.000
#
_symmetry.space_group_name_H-M   'P 1 21 1'
#
loop_
_entity.id
_entity.type
_entity.pdbx_description
1 polymer Kallikrein-10
2 non-polymer 'SULFATE ION'
3 water water
#
_entity_poly.entity_id   1
_entity_poly.type   'polypeptide(L)'
_entity_poly.pdbx_seq_one_letter_code
;LDPEAYGSPCARGSQPWQVSLFNGLSFHCAGVLVDQSWVLTAAHCGNKPLWARVGDDHLLLLQGEQLRRTTRSVVHPKYH
QGSGPILPRRTDEHDLMLLKLARPVVLGPRVRALQLPYRCAQPGDQCQVAGWGTTAARRVKYNKGLTCSSITILSPKECE
VFYPGVVTNNMICAGLDRGQDPCQSDSGGPLVCDETLQGILSWGVYPCGSAQHPAVYTQICKYMSWINKVIRSN
;
_entity_poly.pdbx_strand_id   A,B
#
loop_
_chem_comp.id
_chem_comp.type
_chem_comp.name
_chem_comp.formula
SO4 non-polymer 'SULFATE ION' 'O4 S -2'
#
# COMPACT_ATOMS: atom_id res chain seq x y z
N PRO A 9 1.18 28.09 -0.02
CA PRO A 9 1.16 27.76 -1.45
C PRO A 9 -0.23 27.88 -2.05
N CYS A 10 -0.37 27.63 -3.37
CA CYS A 10 -1.67 27.65 -4.03
C CYS A 10 -2.32 29.02 -3.96
N ALA A 11 -1.96 29.90 -4.89
CA ALA A 11 -2.59 31.21 -4.99
C ALA A 11 -4.11 31.10 -4.98
N ARG A 12 -4.75 32.08 -4.31
CA ARG A 12 -6.20 32.13 -4.25
C ARG A 12 -6.78 32.21 -5.66
N GLY A 13 -7.95 31.59 -5.84
CA GLY A 13 -8.58 31.52 -7.13
C GLY A 13 -8.02 30.45 -8.07
N SER A 14 -6.84 29.93 -7.76
CA SER A 14 -6.30 28.82 -8.52
C SER A 14 -6.98 27.53 -8.08
N GLN A 15 -6.92 26.52 -8.94
CA GLN A 15 -7.68 25.27 -8.76
C GLN A 15 -9.18 25.50 -8.69
N PRO A 16 -9.81 26.10 -9.72
CA PRO A 16 -11.28 26.19 -9.73
C PRO A 16 -11.93 24.84 -9.95
N TRP A 17 -11.17 23.85 -10.40
CA TRP A 17 -11.61 22.51 -10.72
C TRP A 17 -11.52 21.54 -9.55
N GLN A 18 -11.03 21.99 -8.40
CA GLN A 18 -10.73 21.09 -7.28
C GLN A 18 -12.01 20.65 -6.59
N VAL A 19 -12.16 19.33 -6.42
CA VAL A 19 -13.36 18.73 -5.87
C VAL A 19 -12.97 17.85 -4.69
N SER A 20 -13.67 17.99 -3.57
CA SER A 20 -13.51 17.12 -2.42
C SER A 20 -14.78 16.28 -2.27
N LEU A 21 -14.62 14.96 -2.24
CA LEU A 21 -15.74 14.03 -2.19
C LEU A 21 -15.91 13.50 -0.78
N PHE A 22 -17.14 13.50 -0.30
CA PHE A 22 -17.46 13.08 1.06
C PHE A 22 -18.43 11.90 1.02
N ASN A 23 -18.20 10.93 1.89
CA ASN A 23 -19.14 9.85 2.15
C ASN A 23 -19.76 10.07 3.52
N GLY A 24 -21.07 10.13 3.57
CA GLY A 24 -21.71 10.58 4.78
C GLY A 24 -21.33 12.03 4.99
N LEU A 25 -20.85 12.32 6.20
CA LEU A 25 -20.28 13.63 6.52
C LEU A 25 -18.75 13.65 6.49
N SER A 26 -18.09 12.54 6.14
CA SER A 26 -16.66 12.41 6.31
C SER A 26 -15.96 12.57 4.97
N PHE A 27 -14.79 13.20 4.98
CA PHE A 27 -13.99 13.31 3.76
C PHE A 27 -13.58 11.93 3.30
N HIS A 28 -13.81 11.64 2.02
CA HIS A 28 -13.43 10.37 1.45
C HIS A 28 -12.29 10.54 0.44
N CYS A 29 -12.52 11.27 -0.65
CA CYS A 29 -11.51 11.42 -1.70
C CYS A 29 -11.54 12.82 -2.26
N ALA A 30 -10.63 13.06 -3.21
CA ALA A 30 -10.55 14.30 -3.98
C ALA A 30 -10.80 13.99 -5.45
N GLY A 31 -11.15 15.03 -6.20
CA GLY A 31 -11.50 14.82 -7.58
C GLY A 31 -11.21 16.04 -8.44
N VAL A 32 -11.55 15.90 -9.73
CA VAL A 32 -11.40 16.95 -10.71
C VAL A 32 -12.77 17.18 -11.33
N LEU A 33 -12.98 18.38 -11.84
CA LEU A 33 -14.23 18.71 -12.53
C LEU A 33 -13.87 18.77 -14.01
N VAL A 34 -14.33 17.76 -14.76
CA VAL A 34 -14.05 17.69 -16.19
C VAL A 34 -15.18 18.24 -17.04
N ASP A 35 -16.34 18.49 -16.44
CA ASP A 35 -17.53 18.98 -17.13
C ASP A 35 -18.41 19.60 -16.05
N GLN A 36 -19.34 20.46 -16.47
CA GLN A 36 -20.16 21.12 -15.46
C GLN A 36 -20.97 20.12 -14.66
N SER A 37 -21.30 18.96 -15.24
CA SER A 37 -21.99 17.90 -14.52
C SER A 37 -21.08 16.75 -14.08
N TRP A 38 -19.80 16.75 -14.42
CA TRP A 38 -18.99 15.53 -14.29
C TRP A 38 -17.71 15.76 -13.49
N VAL A 39 -17.50 14.91 -12.49
CA VAL A 39 -16.29 14.88 -11.68
C VAL A 39 -15.59 13.55 -11.90
N LEU A 40 -14.28 13.59 -12.09
CA LEU A 40 -13.45 12.40 -12.28
C LEU A 40 -12.57 12.16 -11.06
N THR A 41 -12.45 10.91 -10.66
CA THR A 41 -11.61 10.52 -9.55
C THR A 41 -11.18 9.07 -9.75
N ALA A 42 -10.58 8.48 -8.72
CA ALA A 42 -10.08 7.12 -8.77
C ALA A 42 -11.19 6.14 -8.42
N ALA A 43 -11.20 5.00 -9.11
CA ALA A 43 -12.23 3.99 -8.86
C ALA A 43 -12.15 3.44 -7.44
N HIS A 44 -10.96 3.44 -6.83
CA HIS A 44 -10.85 2.99 -5.45
C HIS A 44 -11.57 3.93 -4.48
N CYS A 45 -12.00 5.08 -4.95
CA CYS A 45 -12.72 6.02 -4.10
C CYS A 45 -14.18 5.62 -3.93
N GLY A 46 -14.82 5.13 -4.99
CA GLY A 46 -16.20 4.78 -4.79
C GLY A 46 -16.43 3.53 -3.97
N ASN A 47 -16.97 3.74 -2.78
CA ASN A 47 -17.90 2.82 -2.14
C ASN A 47 -19.31 3.09 -2.60
N LYS A 48 -19.60 4.36 -2.87
CA LYS A 48 -20.94 4.94 -2.88
C LYS A 48 -21.56 4.92 -1.50
N PRO A 49 -22.49 5.85 -1.25
CA PRO A 49 -22.68 7.08 -2.03
C PRO A 49 -21.65 8.16 -1.71
N LEU A 50 -21.39 9.06 -2.66
CA LEU A 50 -20.58 10.23 -2.40
C LEU A 50 -21.39 11.49 -2.73
N TRP A 51 -20.81 12.64 -2.40
CA TRP A 51 -21.37 13.92 -2.82
C TRP A 51 -20.23 14.93 -2.94
N ALA A 52 -20.34 15.80 -3.94
CA ALA A 52 -19.24 16.68 -4.31
C ALA A 52 -19.42 18.05 -3.69
N ARG A 53 -18.31 18.58 -3.16
CA ARG A 53 -18.19 19.98 -2.79
C ARG A 53 -17.08 20.56 -3.65
N VAL A 54 -17.44 21.46 -4.55
CA VAL A 54 -16.56 21.79 -5.66
C VAL A 54 -16.15 23.26 -5.60
N GLY A 55 -15.00 23.54 -6.23
CA GLY A 55 -14.48 24.87 -6.35
C GLY A 55 -13.55 25.27 -5.20
N ASP A 56 -12.82 26.36 -5.44
CA ASP A 56 -11.85 26.90 -4.50
C ASP A 56 -12.23 28.32 -4.10
N GLN A 63 -22.79 25.92 4.75
CA GLN A 63 -21.91 26.86 4.06
C GLN A 63 -21.43 26.23 2.75
N GLY A 64 -20.39 26.83 2.18
CA GLY A 64 -19.64 26.23 1.10
C GLY A 64 -19.88 26.94 -0.23
N GLU A 65 -19.02 26.60 -1.19
CA GLU A 65 -19.13 27.20 -2.51
C GLU A 65 -20.34 26.61 -3.22
N GLN A 66 -20.24 25.36 -3.65
CA GLN A 66 -21.37 24.68 -4.25
C GLN A 66 -21.33 23.22 -3.83
N LEU A 67 -22.46 22.71 -3.37
CA LEU A 67 -22.57 21.36 -2.85
C LEU A 67 -23.50 20.60 -3.76
N ARG A 68 -23.01 19.51 -4.33
CA ARG A 68 -23.81 18.70 -5.23
C ARG A 68 -23.76 17.26 -4.77
N ARG A 69 -24.87 16.57 -4.97
CA ARG A 69 -24.96 15.14 -4.78
C ARG A 69 -24.67 14.45 -6.10
N THR A 70 -24.05 13.28 -6.01
CA THR A 70 -23.70 12.52 -7.20
C THR A 70 -24.79 11.51 -7.51
N THR A 71 -25.05 11.31 -8.79
CA THR A 71 -26.06 10.35 -9.23
C THR A 71 -25.37 9.13 -9.82
N ARG A 72 -24.86 9.25 -11.04
CA ARG A 72 -24.26 8.13 -11.73
C ARG A 72 -22.79 8.01 -11.36
N SER A 73 -22.37 6.81 -10.96
CA SER A 73 -20.97 6.50 -10.72
C SER A 73 -20.58 5.50 -11.79
N VAL A 74 -19.70 5.91 -12.70
CA VAL A 74 -19.23 5.04 -13.77
C VAL A 74 -17.78 4.71 -13.46
N VAL A 75 -17.56 3.49 -13.02
CA VAL A 75 -16.21 2.98 -12.79
C VAL A 75 -15.65 2.51 -14.12
N HIS A 76 -14.34 2.63 -14.30
CA HIS A 76 -13.74 2.18 -15.55
C HIS A 76 -14.02 0.71 -15.76
N PRO A 77 -14.51 0.31 -16.94
CA PRO A 77 -14.92 -1.09 -17.15
C PRO A 77 -13.84 -2.11 -16.86
N LYS A 78 -12.58 -1.79 -17.11
CA LYS A 78 -11.53 -2.77 -16.84
C LYS A 78 -11.00 -2.63 -15.43
N TYR A 79 -11.60 -1.78 -14.61
CA TYR A 79 -11.34 -1.81 -13.17
C TYR A 79 -11.89 -3.11 -12.60
N THR A 91 -1.99 -2.51 -7.62
CA THR A 91 -3.04 -3.50 -7.40
C THR A 91 -4.36 -2.94 -7.94
N ASP A 92 -4.36 -1.64 -8.22
CA ASP A 92 -5.41 -0.97 -8.97
C ASP A 92 -4.92 -0.91 -10.39
N GLU A 93 -5.61 -1.59 -11.29
CA GLU A 93 -5.19 -1.56 -12.67
C GLU A 93 -5.68 -0.31 -13.39
N HIS A 94 -6.98 -0.17 -13.59
CA HIS A 94 -7.48 1.05 -14.21
C HIS A 94 -8.28 1.76 -13.15
N ASP A 95 -7.61 2.66 -12.44
CA ASP A 95 -8.16 3.30 -11.25
C ASP A 95 -8.75 4.64 -11.69
N LEU A 96 -10.01 4.59 -12.13
CA LEU A 96 -10.70 5.78 -12.60
C LEU A 96 -12.20 5.60 -12.45
N MET A 97 -12.90 6.66 -12.06
CA MET A 97 -14.35 6.62 -12.00
C MET A 97 -14.90 8.02 -12.28
N LEU A 98 -16.02 8.07 -13.00
CA LEU A 98 -16.68 9.32 -13.32
C LEU A 98 -17.96 9.43 -12.49
N LEU A 99 -18.10 10.56 -11.80
CA LEU A 99 -19.24 10.84 -10.93
C LEU A 99 -20.03 11.97 -11.56
N LYS A 100 -21.31 11.73 -11.83
CA LYS A 100 -22.15 12.77 -12.42
C LYS A 100 -22.87 13.53 -11.31
N LEU A 101 -22.74 14.85 -11.34
CA LEU A 101 -23.37 15.68 -10.33
C LEU A 101 -24.88 15.71 -10.53
N ALA A 102 -25.63 15.76 -9.42
CA ALA A 102 -27.08 15.73 -9.51
C ALA A 102 -27.61 16.93 -10.30
N ARG A 103 -26.88 18.04 -10.27
CA ARG A 103 -27.19 19.23 -11.04
C ARG A 103 -25.86 19.85 -11.50
N PRO A 104 -25.86 20.48 -12.67
CA PRO A 104 -24.62 21.11 -13.14
C PRO A 104 -24.19 22.21 -12.18
N VAL A 105 -22.88 22.36 -12.02
CA VAL A 105 -22.38 23.54 -11.34
C VAL A 105 -22.58 24.76 -12.23
N VAL A 106 -22.65 25.93 -11.59
CA VAL A 106 -22.74 27.18 -12.33
C VAL A 106 -21.30 27.63 -12.58
N LEU A 107 -20.93 27.74 -13.84
CA LEU A 107 -19.53 27.94 -14.20
C LEU A 107 -19.13 29.39 -13.94
N GLY A 108 -17.92 29.58 -13.43
CA GLY A 108 -17.43 30.89 -13.11
C GLY A 108 -15.98 30.85 -12.66
N PRO A 109 -15.41 32.02 -12.31
CA PRO A 109 -13.98 32.05 -11.96
C PRO A 109 -13.66 31.15 -10.79
N ARG A 110 -14.55 31.16 -9.80
CA ARG A 110 -14.45 30.30 -8.64
C ARG A 110 -14.44 28.82 -9.01
N VAL A 111 -15.34 28.42 -9.92
CA VAL A 111 -15.60 27.02 -10.21
C VAL A 111 -15.67 26.85 -11.71
N ARG A 112 -14.73 26.10 -12.28
CA ARG A 112 -14.77 25.73 -13.69
C ARG A 112 -14.20 24.34 -13.84
N ALA A 113 -14.51 23.72 -14.97
CA ALA A 113 -13.92 22.43 -15.25
C ALA A 113 -12.43 22.63 -15.58
N LEU A 114 -11.68 21.54 -15.52
CA LEU A 114 -10.28 21.57 -15.91
C LEU A 114 -10.16 20.93 -17.29
N GLN A 115 -9.37 21.55 -18.15
CA GLN A 115 -9.22 21.07 -19.51
C GLN A 115 -8.65 19.65 -19.53
N LEU A 116 -9.25 18.82 -20.34
CA LEU A 116 -8.77 17.45 -20.48
C LEU A 116 -7.57 17.39 -21.41
N PRO A 117 -6.69 16.39 -21.24
CA PRO A 117 -5.46 16.35 -22.04
C PRO A 117 -5.76 16.06 -23.50
N TYR A 118 -5.16 16.86 -24.39
CA TYR A 118 -5.14 16.55 -25.81
C TYR A 118 -3.87 15.79 -26.20
N ARG A 119 -2.90 15.71 -25.29
CA ARG A 119 -1.61 15.08 -25.52
C ARG A 119 -1.17 14.44 -24.21
N CYS A 120 -0.17 13.58 -24.30
CA CYS A 120 0.40 12.92 -23.13
C CYS A 120 1.63 13.68 -22.65
N ALA A 121 1.75 13.83 -21.33
CA ALA A 121 2.90 14.50 -20.73
C ALA A 121 4.10 13.57 -20.72
N GLN A 122 5.29 14.09 -21.18
CA GLN A 122 6.52 13.35 -21.34
C GLN A 122 7.31 13.34 -20.03
N PRO A 123 8.15 12.32 -19.82
CA PRO A 123 9.02 12.31 -18.65
C PRO A 123 9.94 13.52 -18.62
N GLY A 124 10.00 14.19 -17.46
CA GLY A 124 10.74 15.41 -17.31
C GLY A 124 9.91 16.67 -17.26
N ASP A 125 8.61 16.58 -17.58
CA ASP A 125 7.76 17.75 -17.54
C ASP A 125 7.50 18.19 -16.10
N GLN A 126 7.28 19.48 -15.93
CA GLN A 126 7.01 20.06 -14.62
C GLN A 126 5.51 20.26 -14.46
N CYS A 127 4.94 19.65 -13.44
CA CYS A 127 3.50 19.61 -13.21
C CYS A 127 3.19 20.09 -11.80
N GLN A 128 1.93 19.98 -11.37
CA GLN A 128 1.56 20.43 -10.04
C GLN A 128 0.49 19.52 -9.46
N VAL A 129 0.46 19.47 -8.12
CA VAL A 129 -0.60 18.82 -7.37
C VAL A 129 -0.93 19.72 -6.19
N ALA A 130 -2.23 19.95 -5.96
CA ALA A 130 -2.70 20.76 -4.84
C ALA A 130 -3.47 19.89 -3.87
N GLY A 131 -2.95 19.76 -2.64
CA GLY A 131 -3.66 18.96 -1.66
C GLY A 131 -4.15 19.73 -0.45
N TRP A 132 -5.06 19.11 0.32
CA TRP A 132 -5.52 19.67 1.58
C TRP A 132 -4.83 19.08 2.79
N GLY A 133 -3.95 18.11 2.61
CA GLY A 133 -3.29 17.53 3.77
C GLY A 133 -4.07 16.40 4.42
N THR A 134 -5.10 15.88 3.77
CA THR A 134 -5.72 14.65 4.26
C THR A 134 -4.66 13.55 4.22
N THR A 135 -4.89 12.50 5.02
CA THR A 135 -3.81 11.71 5.61
C THR A 135 -3.02 12.56 6.59
N ALA A 136 -3.61 12.77 7.77
CA ALA A 136 -3.03 13.54 8.88
C ALA A 136 -3.14 15.03 8.59
N ASN A 143 -9.00 28.25 8.01
CA ASN A 143 -7.61 27.79 8.06
C ASN A 143 -7.31 26.76 6.99
N LYS A 144 -8.28 25.90 6.67
CA LYS A 144 -7.96 24.68 5.94
C LYS A 144 -7.68 25.05 4.50
N GLY A 145 -6.42 24.93 4.10
CA GLY A 145 -5.95 25.46 2.84
C GLY A 145 -5.62 24.39 1.80
N LEU A 146 -5.44 24.87 0.57
CA LEU A 146 -4.82 24.11 -0.49
C LEU A 146 -3.36 24.51 -0.58
N THR A 147 -2.48 23.52 -0.65
CA THR A 147 -1.05 23.73 -0.79
C THR A 147 -0.65 23.13 -2.13
N CYS A 148 0.10 23.89 -2.91
CA CYS A 148 0.56 23.41 -4.21
C CYS A 148 2.05 23.08 -4.14
N SER A 149 2.43 22.07 -4.90
CA SER A 149 3.82 21.63 -4.96
C SER A 149 4.14 21.25 -6.39
N SER A 150 5.36 21.52 -6.80
CA SER A 150 5.83 21.12 -8.11
C SER A 150 6.16 19.63 -8.12
N ILE A 151 6.00 19.01 -9.28
CA ILE A 151 6.20 17.58 -9.42
C ILE A 151 6.83 17.32 -10.78
N THR A 152 7.64 16.28 -10.85
CA THR A 152 8.37 15.94 -12.07
C THR A 152 7.95 14.57 -12.55
N ILE A 153 7.71 14.45 -13.86
CA ILE A 153 7.31 13.17 -14.42
C ILE A 153 8.56 12.31 -14.56
N LEU A 154 8.58 11.17 -13.88
CA LEU A 154 9.73 10.29 -13.98
C LEU A 154 9.52 9.34 -15.16
N SER A 155 10.51 8.53 -15.44
CA SER A 155 10.10 7.65 -16.51
C SER A 155 9.39 6.43 -15.92
N PRO A 156 8.44 5.83 -16.66
CA PRO A 156 7.80 4.60 -16.15
C PRO A 156 8.76 3.42 -16.23
N LYS A 157 9.98 3.65 -15.78
CA LYS A 157 11.03 2.66 -15.60
C LYS A 157 11.65 2.96 -14.24
N GLU A 158 12.07 4.21 -14.07
CA GLU A 158 12.40 4.72 -12.74
C GLU A 158 11.34 4.35 -11.73
N CYS A 159 10.07 4.27 -12.17
CA CYS A 159 9.00 3.79 -11.30
C CYS A 159 9.25 2.35 -10.86
N GLU A 160 9.94 1.56 -11.70
CA GLU A 160 10.16 0.15 -11.43
C GLU A 160 11.18 -0.09 -10.31
N VAL A 161 12.02 0.91 -10.00
CA VAL A 161 13.05 0.66 -8.99
C VAL A 161 12.47 0.75 -7.58
N PHE A 162 11.45 1.58 -7.39
CA PHE A 162 10.76 1.66 -6.09
C PHE A 162 9.73 0.56 -5.92
N TYR A 163 9.08 0.14 -7.01
CA TYR A 163 8.02 -0.87 -6.97
C TYR A 163 8.28 -1.92 -8.04
N PRO A 164 9.27 -2.79 -7.84
CA PRO A 164 9.52 -3.83 -8.85
C PRO A 164 8.30 -4.72 -8.99
N GLY A 165 7.85 -4.88 -10.24
CA GLY A 165 6.63 -5.57 -10.53
C GLY A 165 5.43 -4.66 -10.75
N VAL A 166 5.60 -3.35 -10.70
CA VAL A 166 4.52 -2.49 -11.14
C VAL A 166 4.47 -2.56 -12.65
N VAL A 167 3.26 -2.65 -13.20
CA VAL A 167 3.08 -2.68 -14.65
C VAL A 167 2.84 -1.22 -15.05
N THR A 168 3.74 -0.69 -15.87
CA THR A 168 3.76 0.75 -16.04
C THR A 168 2.71 1.24 -17.01
N ASN A 169 2.12 0.34 -17.81
CA ASN A 169 0.70 0.43 -18.16
C ASN A 169 0.36 1.78 -18.75
N ASN A 170 -0.77 2.34 -18.32
CA ASN A 170 -1.07 3.74 -18.58
C ASN A 170 -0.96 4.40 -17.20
N MET A 171 0.21 4.97 -16.91
CA MET A 171 0.42 5.57 -15.59
C MET A 171 1.48 6.66 -15.66
N ILE A 172 1.64 7.34 -14.54
CA ILE A 172 2.62 8.40 -14.38
C ILE A 172 3.20 8.22 -12.98
N CYS A 173 4.51 8.04 -12.91
CA CYS A 173 5.22 8.14 -11.64
C CYS A 173 5.63 9.60 -11.51
N ALA A 174 5.25 10.24 -10.42
CA ALA A 174 5.43 11.68 -10.29
C ALA A 174 6.36 11.98 -9.13
N GLY A 175 7.53 12.54 -9.43
CA GLY A 175 8.50 12.81 -8.38
C GLY A 175 8.26 14.14 -7.71
N LEU A 176 8.12 14.09 -6.39
CA LEU A 176 7.97 15.28 -5.56
C LEU A 176 9.36 15.83 -5.27
N ASP A 177 9.50 17.15 -5.23
CA ASP A 177 10.79 17.71 -4.90
C ASP A 177 11.17 17.33 -3.47
N ARG A 178 12.46 17.30 -3.20
CA ARG A 178 12.92 16.72 -1.94
C ARG A 178 12.61 17.66 -0.77
N GLY A 179 12.32 17.04 0.38
CA GLY A 179 11.82 17.79 1.51
C GLY A 179 10.32 17.95 1.54
N GLN A 180 9.62 17.44 0.54
CA GLN A 180 8.17 17.57 0.45
C GLN A 180 7.54 16.31 1.01
N ASP A 181 6.50 16.49 1.82
CA ASP A 181 5.84 15.34 2.43
C ASP A 181 4.76 14.89 1.46
N PRO A 182 4.89 13.72 0.82
CA PRO A 182 3.86 13.24 -0.12
C PRO A 182 2.45 13.20 0.46
N CYS A 183 2.32 13.07 1.78
CA CYS A 183 1.00 12.90 2.39
C CYS A 183 0.19 14.19 2.48
N GLN A 184 0.79 15.34 2.15
CA GLN A 184 0.00 16.54 1.88
C GLN A 184 -1.13 16.27 0.89
N SER A 185 -0.90 15.40 -0.09
CA SER A 185 -1.87 15.18 -1.15
C SER A 185 -3.07 14.37 -0.63
N ASP A 186 -4.07 14.24 -1.49
CA ASP A 186 -5.29 13.49 -1.23
C ASP A 186 -5.42 12.35 -2.25
N SER A 187 -6.42 11.49 -2.05
CA SER A 187 -6.68 10.40 -2.96
C SER A 187 -7.60 10.88 -4.08
N GLY A 188 -7.23 10.57 -5.32
CA GLY A 188 -7.97 11.06 -6.47
C GLY A 188 -7.69 12.49 -6.85
N GLY A 189 -6.82 13.20 -6.13
CA GLY A 189 -6.49 14.56 -6.46
C GLY A 189 -5.83 14.67 -7.81
N PRO A 190 -5.98 15.82 -8.46
CA PRO A 190 -5.44 15.97 -9.81
C PRO A 190 -3.94 16.22 -9.84
N LEU A 191 -3.34 15.77 -10.93
CA LEU A 191 -2.00 16.18 -11.33
C LEU A 191 -2.16 16.99 -12.61
N VAL A 192 -1.78 18.27 -12.56
CA VAL A 192 -2.00 19.20 -13.66
C VAL A 192 -0.65 19.57 -14.25
N CYS A 193 -0.49 19.33 -15.56
CA CYS A 193 0.69 19.75 -16.31
C CYS A 193 0.28 20.71 -17.40
N ASP A 194 0.95 21.86 -17.47
CA ASP A 194 0.75 22.82 -18.57
C ASP A 194 -0.72 23.18 -18.73
N GLU A 195 -1.38 23.46 -17.61
CA GLU A 195 -2.81 23.85 -17.55
C GLU A 195 -3.77 22.71 -17.89
N THR A 196 -3.30 21.52 -18.20
CA THR A 196 -4.17 20.40 -18.53
C THR A 196 -4.02 19.28 -17.50
N LEU A 197 -5.01 18.39 -17.47
CA LEU A 197 -5.08 17.32 -16.46
C LEU A 197 -4.41 16.07 -17.01
N GLN A 198 -3.24 15.72 -16.46
CA GLN A 198 -2.53 14.54 -16.90
C GLN A 198 -2.66 13.32 -15.97
N GLY A 199 -3.31 13.46 -14.81
CA GLY A 199 -3.31 12.34 -13.90
C GLY A 199 -4.26 12.42 -12.71
N ILE A 200 -4.63 11.24 -12.20
CA ILE A 200 -5.46 11.10 -11.00
C ILE A 200 -4.68 10.25 -10.01
N LEU A 201 -4.50 10.74 -8.79
CA LEU A 201 -3.66 10.00 -7.84
C LEU A 201 -4.28 8.65 -7.53
N SER A 202 -3.52 7.59 -7.79
CA SER A 202 -4.00 6.23 -7.57
C SER A 202 -3.41 5.66 -6.29
N TRP A 203 -2.09 5.49 -6.26
CA TRP A 203 -1.44 4.99 -5.07
C TRP A 203 -0.02 5.55 -5.02
N GLY A 204 0.76 5.10 -4.04
CA GLY A 204 2.13 5.53 -3.88
C GLY A 204 2.34 6.71 -2.96
N VAL A 205 1.32 7.09 -2.19
CA VAL A 205 1.44 8.23 -1.28
C VAL A 205 2.25 7.85 -0.04
N TYR A 206 1.92 6.72 0.56
CA TYR A 206 2.60 6.23 1.77
C TYR A 206 3.96 5.63 1.43
N PRO A 207 4.91 5.70 2.38
CA PRO A 207 4.84 6.26 3.73
C PRO A 207 4.92 7.78 3.75
N CYS A 208 4.51 8.39 4.85
CA CYS A 208 4.62 9.83 4.94
C CYS A 208 6.07 10.20 5.23
N GLY A 209 6.36 11.50 5.26
CA GLY A 209 7.64 11.95 5.75
C GLY A 209 8.83 11.80 4.83
N SER A 210 8.66 11.43 3.56
CA SER A 210 9.79 11.39 2.65
C SER A 210 9.31 11.53 1.21
N ALA A 211 10.03 12.35 0.44
CA ALA A 211 9.76 12.56 -0.97
C ALA A 211 10.50 11.62 -1.90
N GLN A 212 11.31 10.70 -1.37
CA GLN A 212 12.13 9.87 -2.24
C GLN A 212 11.28 8.92 -3.06
N HIS A 213 10.18 8.48 -2.51
CA HIS A 213 9.39 7.54 -3.29
C HIS A 213 8.34 8.29 -4.11
N PRO A 214 8.17 7.90 -5.37
CA PRO A 214 7.22 8.61 -6.23
C PRO A 214 5.79 8.09 -6.07
N ALA A 215 4.84 9.00 -6.24
CA ALA A 215 3.44 8.63 -6.27
C ALA A 215 3.06 8.12 -7.65
N VAL A 216 2.02 7.30 -7.69
CA VAL A 216 1.58 6.63 -8.91
C VAL A 216 0.23 7.19 -9.34
N TYR A 217 0.20 7.79 -10.53
CA TYR A 217 -1.00 8.39 -11.10
C TYR A 217 -1.47 7.63 -12.32
N THR A 218 -2.78 7.58 -12.49
CA THR A 218 -3.38 7.08 -13.71
C THR A 218 -3.10 8.08 -14.84
N GLN A 219 -2.69 7.57 -16.00
CA GLN A 219 -2.37 8.42 -17.14
C GLN A 219 -3.68 8.74 -17.84
N ILE A 220 -4.08 10.02 -17.79
CA ILE A 220 -5.43 10.39 -18.22
C ILE A 220 -5.53 10.49 -19.73
N CYS A 221 -4.45 10.90 -20.40
CA CYS A 221 -4.45 11.00 -21.85
C CYS A 221 -4.69 9.65 -22.53
N LYS A 222 -4.55 8.54 -21.78
CA LYS A 222 -4.82 7.22 -22.33
C LYS A 222 -6.28 6.80 -22.25
N TYR A 223 -7.07 7.47 -21.42
CA TYR A 223 -8.46 7.11 -21.20
C TYR A 223 -9.44 8.02 -21.93
N MET A 224 -8.94 8.94 -22.76
CA MET A 224 -9.78 10.02 -23.29
C MET A 224 -10.98 9.49 -24.07
N SER A 225 -10.86 8.32 -24.69
CA SER A 225 -12.00 7.75 -25.41
C SER A 225 -13.13 7.41 -24.44
N TRP A 226 -12.79 6.76 -23.33
CA TRP A 226 -13.82 6.40 -22.35
C TRP A 226 -14.38 7.63 -21.65
N ILE A 227 -13.51 8.55 -21.23
CA ILE A 227 -13.97 9.73 -20.48
C ILE A 227 -14.93 10.56 -21.31
N ASN A 228 -14.53 10.92 -22.54
CA ASN A 228 -15.34 11.79 -23.37
C ASN A 228 -16.69 11.15 -23.66
N LYS A 229 -16.73 9.84 -23.88
CA LYS A 229 -17.95 9.14 -24.26
C LYS A 229 -18.88 8.90 -23.09
N VAL A 230 -18.36 8.77 -21.87
CA VAL A 230 -19.21 8.70 -20.69
C VAL A 230 -19.87 10.05 -20.42
N ILE A 231 -19.12 11.14 -20.62
CA ILE A 231 -19.69 12.47 -20.55
C ILE A 231 -20.75 12.65 -21.64
N ARG A 232 -20.83 11.70 -22.57
CA ARG A 232 -21.60 11.75 -23.82
C ARG A 232 -21.32 13.03 -24.59
N SER A 233 -20.12 13.57 -24.38
CA SER A 233 -19.47 14.41 -25.37
C SER A 233 -18.88 13.54 -26.48
N ASN A 234 -18.80 12.22 -26.24
CA ASN A 234 -18.45 11.19 -27.22
C ASN A 234 -16.97 11.15 -27.59
N SER B 8 26.16 -9.09 6.09
CA SER B 8 24.74 -9.13 5.80
C SER B 8 24.14 -10.54 5.75
N PRO B 9 24.74 -11.49 5.02
CA PRO B 9 24.12 -12.81 4.94
C PRO B 9 24.03 -13.45 6.32
N CYS B 10 22.91 -14.11 6.57
CA CYS B 10 22.71 -14.81 7.83
C CYS B 10 23.83 -15.80 8.09
N ALA B 11 24.16 -15.98 9.36
CA ALA B 11 24.99 -17.11 9.72
C ALA B 11 24.34 -18.36 9.17
N ARG B 12 25.08 -19.09 8.34
CA ARG B 12 24.61 -20.36 7.82
C ARG B 12 24.18 -21.26 8.98
N GLY B 13 22.96 -21.79 8.91
CA GLY B 13 22.42 -22.59 9.99
C GLY B 13 21.67 -21.82 11.05
N SER B 14 21.74 -20.49 11.05
CA SER B 14 21.04 -19.69 12.04
C SER B 14 19.55 -19.53 11.75
N GLN B 15 19.06 -19.99 10.59
CA GLN B 15 17.65 -19.77 10.21
C GLN B 15 17.00 -21.12 9.91
N PRO B 16 16.97 -22.04 10.88
CA PRO B 16 16.37 -23.36 10.61
C PRO B 16 14.86 -23.34 10.48
N TRP B 17 14.20 -22.29 10.95
CA TRP B 17 12.75 -22.19 10.94
C TRP B 17 12.22 -21.48 9.71
N GLN B 18 13.10 -21.00 8.84
CA GLN B 18 12.72 -20.15 7.72
C GLN B 18 12.06 -20.98 6.63
N VAL B 19 10.87 -20.56 6.19
CA VAL B 19 10.07 -21.31 5.23
C VAL B 19 9.77 -20.42 4.03
N SER B 20 10.01 -20.94 2.83
CA SER B 20 9.65 -20.29 1.59
C SER B 20 8.55 -21.09 0.92
N LEU B 21 7.44 -20.43 0.59
CA LEU B 21 6.26 -21.08 0.03
C LEU B 21 6.15 -20.81 -1.46
N PHE B 22 5.90 -21.85 -2.24
CA PHE B 22 5.82 -21.76 -3.69
C PHE B 22 4.44 -22.20 -4.18
N ASN B 23 3.89 -21.47 -5.14
CA ASN B 23 2.74 -21.94 -5.90
C ASN B 23 3.21 -22.22 -7.33
N GLY B 24 2.96 -23.43 -7.80
CA GLY B 24 3.53 -23.83 -9.08
C GLY B 24 5.03 -23.92 -8.97
N LEU B 25 5.71 -23.23 -9.88
CA LEU B 25 7.17 -23.21 -9.92
C LEU B 25 7.78 -22.01 -9.21
N SER B 26 6.99 -21.03 -8.81
CA SER B 26 7.48 -19.71 -8.46
C SER B 26 7.34 -19.41 -6.97
N PHE B 27 8.27 -18.61 -6.47
CA PHE B 27 8.20 -18.11 -5.11
C PHE B 27 6.94 -17.24 -4.95
N HIS B 28 6.17 -17.54 -3.91
CA HIS B 28 4.99 -16.76 -3.55
C HIS B 28 5.20 -15.96 -2.27
N CYS B 29 5.44 -16.65 -1.16
CA CYS B 29 5.61 -15.98 0.12
C CYS B 29 6.66 -16.70 0.94
N ALA B 30 6.90 -16.15 2.14
CA ALA B 30 7.79 -16.73 3.12
C ALA B 30 6.98 -17.05 4.37
N GLY B 31 7.52 -17.94 5.19
CA GLY B 31 6.82 -18.37 6.39
C GLY B 31 7.81 -18.79 7.45
N VAL B 32 7.25 -19.22 8.59
CA VAL B 32 8.04 -19.69 9.72
C VAL B 32 7.51 -21.07 10.05
N LEU B 33 8.36 -21.88 10.69
CA LEU B 33 7.94 -23.18 11.13
C LEU B 33 7.72 -23.05 12.63
N VAL B 34 6.46 -23.06 13.06
CA VAL B 34 6.11 -22.91 14.46
C VAL B 34 5.90 -24.26 15.14
N ASP B 35 5.82 -25.33 14.36
CA ASP B 35 5.68 -26.70 14.81
C ASP B 35 6.16 -27.55 13.65
N GLN B 36 6.56 -28.79 13.94
CA GLN B 36 7.15 -29.61 12.89
C GLN B 36 6.20 -29.85 11.73
N SER B 37 4.89 -29.80 11.98
CA SER B 37 3.90 -29.91 10.92
C SER B 37 3.28 -28.57 10.49
N TRP B 38 3.63 -27.46 11.14
CA TRP B 38 2.86 -26.22 10.96
C TRP B 38 3.76 -25.07 10.57
N VAL B 39 3.37 -24.36 9.51
CA VAL B 39 4.04 -23.17 9.03
C VAL B 39 3.08 -22.00 9.19
N LEU B 40 3.60 -20.88 9.71
CA LEU B 40 2.81 -19.66 9.88
C LEU B 40 3.28 -18.60 8.90
N THR B 41 2.32 -17.93 8.28
CA THR B 41 2.59 -16.85 7.34
C THR B 41 1.38 -15.93 7.31
N ALA B 42 1.35 -15.01 6.35
CA ALA B 42 0.27 -14.04 6.25
C ALA B 42 -0.92 -14.61 5.50
N ALA B 43 -2.12 -14.25 5.95
CA ALA B 43 -3.33 -14.73 5.29
C ALA B 43 -3.40 -14.26 3.84
N HIS B 44 -2.81 -13.11 3.53
CA HIS B 44 -2.79 -12.64 2.15
C HIS B 44 -1.93 -13.51 1.25
N CYS B 45 -1.15 -14.43 1.81
CA CYS B 45 -0.31 -15.28 0.97
C CYS B 45 -1.06 -16.48 0.39
N GLY B 46 -1.84 -17.17 1.21
CA GLY B 46 -2.55 -18.35 0.75
C GLY B 46 -3.79 -18.18 -0.10
N ASN B 47 -3.80 -18.73 -1.31
CA ASN B 47 -5.04 -19.17 -1.94
C ASN B 47 -5.18 -20.70 -1.92
N LYS B 48 -4.13 -21.42 -1.50
CA LYS B 48 -3.96 -22.87 -1.69
C LYS B 48 -3.75 -23.23 -3.17
N PRO B 49 -3.07 -24.35 -3.45
CA PRO B 49 -2.13 -25.07 -2.58
C PRO B 49 -0.75 -24.40 -2.62
N LEU B 50 0.05 -24.58 -1.58
CA LEU B 50 1.44 -24.15 -1.58
C LEU B 50 2.36 -25.34 -1.33
N TRP B 51 3.63 -25.16 -1.67
CA TRP B 51 4.69 -26.10 -1.32
C TRP B 51 5.67 -25.39 -0.41
N ALA B 52 5.95 -26.00 0.74
CA ALA B 52 6.84 -25.40 1.72
C ALA B 52 8.26 -25.90 1.50
N ARG B 53 9.19 -24.96 1.30
CA ARG B 53 10.62 -25.24 1.33
C ARG B 53 11.11 -24.79 2.71
N VAL B 54 11.54 -25.75 3.52
CA VAL B 54 11.84 -25.47 4.93
C VAL B 54 13.33 -25.62 5.15
N GLY B 55 13.81 -24.97 6.21
CA GLY B 55 15.21 -24.94 6.53
C GLY B 55 15.91 -23.72 5.96
N ASP B 56 17.13 -23.49 6.44
CA ASP B 56 17.93 -22.33 6.05
C ASP B 56 17.94 -22.09 4.54
N GLY B 64 20.07 -31.92 3.05
CA GLY B 64 20.41 -30.52 2.89
C GLY B 64 19.22 -29.58 3.00
N GLU B 65 18.03 -30.10 2.73
CA GLU B 65 16.82 -29.32 2.88
C GLU B 65 15.66 -30.27 3.13
N GLN B 66 14.49 -29.71 3.40
CA GLN B 66 13.28 -30.50 3.48
C GLN B 66 12.13 -29.83 2.75
N LEU B 67 11.45 -30.63 1.93
CA LEU B 67 10.47 -30.20 0.94
C LEU B 67 9.12 -30.80 1.32
N ARG B 68 8.12 -29.93 1.53
CA ARG B 68 6.81 -30.40 1.99
C ARG B 68 5.68 -29.88 1.12
N ARG B 69 4.64 -30.70 1.04
CA ARG B 69 3.38 -30.31 0.46
C ARG B 69 2.52 -29.70 1.56
N THR B 70 1.81 -28.63 1.24
CA THR B 70 0.95 -27.98 2.22
C THR B 70 -0.47 -28.50 2.02
N THR B 71 -1.13 -28.85 3.12
CA THR B 71 -2.48 -29.40 3.00
C THR B 71 -3.54 -28.46 3.55
N ARG B 72 -3.67 -28.44 4.87
CA ARG B 72 -4.73 -27.71 5.54
C ARG B 72 -4.28 -26.28 5.82
N SER B 73 -5.11 -25.33 5.39
CA SER B 73 -4.88 -23.91 5.63
C SER B 73 -5.97 -23.36 6.55
N VAL B 74 -5.57 -22.89 7.72
CA VAL B 74 -6.48 -22.28 8.68
C VAL B 74 -6.18 -20.78 8.70
N VAL B 75 -7.07 -20.01 8.10
CA VAL B 75 -6.97 -18.55 8.13
C VAL B 75 -7.57 -18.05 9.43
N HIS B 76 -7.03 -16.95 9.96
CA HIS B 76 -7.57 -16.40 11.19
C HIS B 76 -9.02 -16.01 10.96
N PRO B 77 -9.95 -16.42 11.82
CA PRO B 77 -11.38 -16.22 11.52
C PRO B 77 -11.75 -14.76 11.26
N LYS B 78 -11.08 -13.82 11.92
CA LYS B 78 -11.39 -12.40 11.77
C LYS B 78 -10.54 -11.72 10.72
N TYR B 79 -9.72 -12.48 9.98
CA TYR B 79 -9.10 -11.92 8.80
C TYR B 79 -10.16 -11.44 7.83
N HIS B 80 -10.08 -10.15 7.50
CA HIS B 80 -10.71 -9.61 6.32
C HIS B 80 -9.88 -8.43 5.87
N GLN B 81 -9.78 -8.28 4.56
CA GLN B 81 -8.68 -7.59 3.90
C GLN B 81 -8.93 -6.10 3.69
N ARG B 90 -8.16 -0.36 5.00
CA ARG B 90 -7.34 -0.19 3.80
C ARG B 90 -6.25 -1.25 3.72
N THR B 91 -5.88 -1.82 4.86
CA THR B 91 -4.89 -2.88 4.92
C THR B 91 -5.56 -4.19 5.33
N ASP B 92 -4.76 -5.24 5.48
CA ASP B 92 -5.26 -6.55 5.88
C ASP B 92 -5.27 -6.61 7.41
N GLU B 93 -6.47 -6.71 7.97
CA GLU B 93 -6.61 -6.89 9.40
C GLU B 93 -6.37 -8.35 9.77
N HIS B 94 -5.60 -8.55 10.84
CA HIS B 94 -5.23 -9.87 11.32
C HIS B 94 -4.69 -10.73 10.17
N ASP B 95 -3.49 -10.37 9.72
CA ASP B 95 -2.94 -10.97 8.52
C ASP B 95 -2.08 -12.15 8.98
N LEU B 96 -2.71 -13.32 9.06
CA LEU B 96 -2.05 -14.53 9.52
C LEU B 96 -2.74 -15.75 8.92
N MET B 97 -1.94 -16.75 8.57
CA MET B 97 -2.47 -18.03 8.12
C MET B 97 -1.53 -19.13 8.55
N LEU B 98 -2.09 -20.25 8.99
CA LEU B 98 -1.32 -21.43 9.39
C LEU B 98 -1.47 -22.52 8.34
N LEU B 99 -0.34 -23.04 7.89
CA LEU B 99 -0.29 -24.05 6.84
C LEU B 99 0.20 -25.36 7.46
N LYS B 100 -0.58 -26.42 7.30
CA LYS B 100 -0.21 -27.72 7.84
C LYS B 100 0.56 -28.52 6.80
N LEU B 101 1.75 -28.99 7.17
CA LEU B 101 2.55 -29.81 6.29
C LEU B 101 1.96 -31.22 6.21
N ALA B 102 2.06 -31.83 5.02
CA ALA B 102 1.44 -33.13 4.79
C ALA B 102 2.02 -34.23 5.67
N ARG B 103 3.29 -34.11 6.05
CA ARG B 103 3.92 -35.04 6.97
C ARG B 103 4.92 -34.25 7.81
N PRO B 104 5.17 -34.67 9.05
CA PRO B 104 6.09 -33.89 9.91
C PRO B 104 7.48 -33.77 9.30
N VAL B 105 8.09 -32.60 9.53
CA VAL B 105 9.50 -32.43 9.24
C VAL B 105 10.33 -33.21 10.27
N VAL B 106 11.50 -33.68 9.86
CA VAL B 106 12.42 -34.33 10.78
C VAL B 106 13.40 -33.28 11.30
N LEU B 107 13.44 -33.14 12.62
CA LEU B 107 14.12 -32.01 13.25
C LEU B 107 15.62 -32.26 13.23
N GLY B 108 16.40 -31.18 13.07
CA GLY B 108 17.82 -31.30 12.91
C GLY B 108 18.52 -29.95 12.97
N PRO B 109 19.83 -29.95 12.70
CA PRO B 109 20.60 -28.71 12.91
C PRO B 109 20.07 -27.48 12.18
N ARG B 110 19.74 -27.57 10.88
CA ARG B 110 19.10 -26.44 10.20
C ARG B 110 17.60 -26.62 9.94
N VAL B 111 16.94 -27.63 10.49
CA VAL B 111 15.48 -27.65 10.44
C VAL B 111 14.96 -27.83 11.86
N ARG B 112 14.37 -26.78 12.41
CA ARG B 112 13.65 -26.84 13.67
C ARG B 112 12.66 -25.69 13.71
N ALA B 113 11.67 -25.81 14.58
CA ALA B 113 10.69 -24.75 14.74
C ALA B 113 11.29 -23.55 15.45
N LEU B 114 10.53 -22.47 15.47
CA LEU B 114 10.88 -21.26 16.21
C LEU B 114 10.01 -21.16 17.46
N GLN B 115 10.61 -20.78 18.56
CA GLN B 115 9.86 -20.67 19.81
C GLN B 115 8.79 -19.60 19.65
N LEU B 116 7.58 -19.91 20.11
CA LEU B 116 6.49 -18.96 20.00
C LEU B 116 6.57 -17.93 21.12
N PRO B 117 6.03 -16.73 20.92
CA PRO B 117 6.29 -15.64 21.88
C PRO B 117 5.70 -15.92 23.24
N TYR B 118 6.53 -15.76 24.28
CA TYR B 118 6.05 -15.78 25.65
C TYR B 118 5.77 -14.42 26.26
N ARG B 119 6.18 -13.30 25.64
CA ARG B 119 5.77 -12.05 26.28
C ARG B 119 5.02 -11.09 25.36
N CYS B 120 5.73 -10.07 24.86
CA CYS B 120 5.58 -9.26 23.65
C CYS B 120 6.87 -8.47 23.56
N ALA B 121 7.41 -8.30 22.37
CA ALA B 121 8.61 -7.47 22.29
C ALA B 121 8.18 -6.01 22.32
N GLN B 122 8.78 -5.25 23.23
CA GLN B 122 8.43 -3.85 23.45
C GLN B 122 9.24 -2.96 22.52
N PRO B 123 8.75 -1.75 22.22
CA PRO B 123 9.54 -0.83 21.41
C PRO B 123 10.90 -0.55 22.05
N GLY B 124 11.94 -0.69 21.25
CA GLY B 124 13.31 -0.58 21.73
C GLY B 124 14.01 -1.91 21.88
N ASP B 125 13.27 -3.01 21.81
CA ASP B 125 13.87 -4.33 21.91
C ASP B 125 14.71 -4.63 20.68
N GLN B 126 15.67 -5.53 20.86
CA GLN B 126 16.63 -5.88 19.83
C GLN B 126 16.15 -7.11 19.06
N CYS B 127 15.93 -6.94 17.76
CA CYS B 127 15.34 -7.99 16.94
C CYS B 127 16.18 -8.21 15.69
N GLN B 128 15.70 -9.12 14.84
CA GLN B 128 16.35 -9.43 13.57
C GLN B 128 15.28 -9.91 12.58
N VAL B 129 15.58 -9.75 11.29
CA VAL B 129 14.76 -10.31 10.23
C VAL B 129 15.66 -10.94 9.19
N ALA B 130 15.33 -12.15 8.76
CA ALA B 130 16.05 -12.88 7.73
C ALA B 130 15.16 -12.97 6.51
N GLY B 131 15.61 -12.41 5.39
CA GLY B 131 14.81 -12.40 4.18
C GLY B 131 15.65 -12.67 2.96
N TRP B 132 14.96 -12.94 1.85
CA TRP B 132 15.63 -13.13 0.57
C TRP B 132 15.62 -11.83 -0.21
N GLY B 133 14.48 -11.47 -0.78
CA GLY B 133 14.37 -10.22 -1.50
C GLY B 133 13.14 -10.09 -2.37
N THR B 134 12.79 -8.86 -2.72
CA THR B 134 11.71 -8.58 -3.68
C THR B 134 12.35 -7.91 -4.88
N THR B 135 12.50 -8.68 -5.97
CA THR B 135 13.25 -8.30 -7.18
C THR B 135 14.21 -7.12 -7.03
N LEU B 146 20.85 -16.19 1.67
CA LEU B 146 19.92 -15.62 2.65
C LEU B 146 20.59 -14.47 3.41
N THR B 147 19.88 -13.35 3.54
CA THR B 147 20.39 -12.15 4.20
C THR B 147 19.52 -11.78 5.39
N CYS B 148 20.15 -11.56 6.55
CA CYS B 148 19.44 -11.00 7.70
C CYS B 148 20.00 -9.64 8.09
N SER B 149 19.14 -8.84 8.71
CA SER B 149 19.45 -7.48 9.15
C SER B 149 18.86 -7.22 10.51
N SER B 150 19.50 -6.31 11.24
CA SER B 150 18.96 -5.86 12.50
C SER B 150 17.77 -4.95 12.28
N ILE B 151 16.83 -4.98 13.23
CA ILE B 151 15.57 -4.26 13.10
C ILE B 151 15.16 -3.76 14.48
N THR B 152 14.44 -2.64 14.50
CA THR B 152 13.99 -2.01 15.73
C THR B 152 12.47 -1.93 15.74
N ILE B 153 11.87 -2.32 16.86
CA ILE B 153 10.42 -2.23 17.04
C ILE B 153 10.06 -0.79 17.41
N LEU B 154 9.20 -0.16 16.63
CA LEU B 154 8.80 1.20 16.93
C LEU B 154 7.60 1.24 17.85
N SER B 155 7.23 2.44 18.26
CA SER B 155 6.07 2.76 19.06
C SER B 155 4.87 3.04 18.17
N PRO B 156 3.65 2.93 18.72
CA PRO B 156 2.47 3.26 17.90
C PRO B 156 2.44 4.71 17.43
N LYS B 157 2.90 5.66 18.26
CA LYS B 157 2.98 7.03 17.80
C LYS B 157 4.02 7.19 16.69
N GLU B 158 5.16 6.51 16.81
CA GLU B 158 6.13 6.50 15.72
C GLU B 158 5.56 5.85 14.47
N CYS B 159 4.80 4.76 14.63
CA CYS B 159 4.22 4.06 13.50
C CYS B 159 3.21 4.91 12.75
N GLU B 160 2.45 5.75 13.48
CA GLU B 160 1.41 6.53 12.83
C GLU B 160 1.94 7.69 12.00
N VAL B 161 3.20 8.09 12.15
CA VAL B 161 3.65 9.22 11.35
C VAL B 161 3.91 8.79 9.91
N PHE B 162 4.30 7.53 9.70
CA PHE B 162 4.44 7.03 8.33
C PHE B 162 3.11 6.58 7.75
N TYR B 163 2.22 6.03 8.57
CA TYR B 163 0.93 5.51 8.12
C TYR B 163 -0.16 6.04 9.04
N PRO B 164 -0.54 7.30 8.89
CA PRO B 164 -1.60 7.86 9.74
C PRO B 164 -2.91 7.10 9.56
N GLY B 165 -3.48 6.66 10.67
CA GLY B 165 -4.67 5.83 10.63
C GLY B 165 -4.42 4.34 10.71
N VAL B 166 -3.17 3.91 10.94
CA VAL B 166 -2.89 2.50 11.12
C VAL B 166 -3.43 2.04 12.47
N VAL B 167 -3.93 0.81 12.52
CA VAL B 167 -4.51 0.26 13.73
C VAL B 167 -3.46 -0.54 14.49
N THR B 168 -3.10 -0.05 15.67
CA THR B 168 -2.08 -0.68 16.49
C THR B 168 -2.74 -1.72 17.40
N ASN B 169 -1.97 -2.18 18.40
CA ASN B 169 -2.27 -3.16 19.44
C ASN B 169 -2.33 -4.61 18.98
N ASN B 170 -2.64 -4.85 17.71
CA ASN B 170 -2.42 -6.16 17.09
C ASN B 170 -1.26 -6.17 16.11
N MET B 171 -0.54 -5.07 15.97
CA MET B 171 0.57 -5.03 15.02
C MET B 171 1.67 -4.13 15.56
N ILE B 172 2.83 -4.21 14.90
CA ILE B 172 4.05 -3.54 15.31
C ILE B 172 4.77 -3.04 14.08
N CYS B 173 5.23 -1.79 14.13
CA CYS B 173 6.11 -1.22 13.12
C CYS B 173 7.56 -1.58 13.42
N ALA B 174 8.26 -2.16 12.43
CA ALA B 174 9.64 -2.61 12.63
C ALA B 174 10.57 -1.95 11.62
N GLY B 175 11.49 -1.11 12.12
CA GLY B 175 12.37 -0.32 11.28
C GLY B 175 13.69 -0.98 10.94
N LEU B 176 14.04 -0.94 9.66
CA LEU B 176 15.23 -1.65 9.18
C LEU B 176 16.51 -0.82 9.30
N ASP B 177 16.36 0.49 9.52
CA ASP B 177 17.35 1.56 9.63
C ASP B 177 18.13 1.88 8.36
N ARG B 178 19.32 2.49 8.46
CA ARG B 178 19.81 3.35 7.37
C ARG B 178 20.88 2.65 6.54
N GLY B 179 20.84 2.87 5.22
CA GLY B 179 21.69 2.15 4.28
C GLY B 179 21.16 0.80 3.89
N GLN B 180 20.01 0.42 4.43
CA GLN B 180 19.34 -0.86 4.22
C GLN B 180 18.07 -0.74 3.38
N ASP B 181 17.88 -1.66 2.41
CA ASP B 181 16.69 -1.67 1.56
C ASP B 181 15.57 -2.52 2.17
N PRO B 182 14.44 -1.92 2.55
CA PRO B 182 13.32 -2.71 3.10
C PRO B 182 12.91 -3.89 2.24
N CYS B 183 13.16 -3.85 0.94
CA CYS B 183 12.71 -4.90 0.03
C CYS B 183 13.56 -6.17 0.10
N GLN B 184 14.68 -6.16 0.82
CA GLN B 184 15.32 -7.42 1.21
C GLN B 184 14.33 -8.37 1.89
N SER B 185 13.37 -7.84 2.66
CA SER B 185 12.42 -8.70 3.36
C SER B 185 11.45 -9.36 2.36
N ASP B 186 10.76 -10.38 2.85
CA ASP B 186 9.72 -11.05 2.08
C ASP B 186 8.41 -10.94 2.85
N SER B 187 7.30 -11.21 2.16
CA SER B 187 5.99 -11.12 2.79
C SER B 187 5.66 -12.45 3.47
N GLY B 188 5.16 -12.35 4.69
CA GLY B 188 4.95 -13.49 5.56
C GLY B 188 6.19 -13.96 6.28
N GLY B 189 7.34 -13.34 6.03
CA GLY B 189 8.59 -13.66 6.69
C GLY B 189 8.58 -13.34 8.17
N PRO B 190 9.42 -14.03 8.93
CA PRO B 190 9.45 -13.83 10.38
C PRO B 190 10.17 -12.57 10.81
N LEU B 191 9.72 -12.03 11.94
CA LEU B 191 10.44 -11.06 12.74
C LEU B 191 10.83 -11.73 14.05
N VAL B 192 12.13 -11.85 14.29
CA VAL B 192 12.63 -12.57 15.44
C VAL B 192 13.22 -11.56 16.41
N CYS B 193 12.69 -11.52 17.62
CA CYS B 193 13.19 -10.73 18.72
C CYS B 193 13.63 -11.69 19.81
N ASP B 194 14.82 -11.45 20.37
CA ASP B 194 15.38 -12.33 21.39
C ASP B 194 15.55 -13.71 20.75
N GLU B 195 15.04 -14.75 21.39
CA GLU B 195 15.05 -16.10 20.84
C GLU B 195 13.74 -16.48 20.16
N THR B 196 12.81 -15.54 20.04
CA THR B 196 11.40 -15.86 19.88
C THR B 196 10.78 -15.15 18.67
N LEU B 197 9.62 -15.64 18.25
CA LEU B 197 8.94 -15.16 17.05
C LEU B 197 7.95 -14.06 17.42
N GLN B 198 8.28 -12.83 17.05
CA GLN B 198 7.41 -11.69 17.35
C GLN B 198 6.59 -11.17 16.17
N GLY B 199 6.79 -11.68 14.95
CA GLY B 199 6.03 -11.10 13.85
C GLY B 199 6.07 -11.78 12.50
N ILE B 200 5.00 -11.59 11.72
CA ILE B 200 4.90 -12.03 10.34
C ILE B 200 4.62 -10.80 9.48
N LEU B 201 5.42 -10.62 8.44
CA LEU B 201 5.32 -9.42 7.63
C LEU B 201 3.96 -9.36 6.95
N SER B 202 3.24 -8.26 7.18
CA SER B 202 1.92 -8.06 6.59
C SER B 202 2.06 -7.18 5.35
N TRP B 203 2.45 -5.93 5.55
CA TRP B 203 2.67 -5.01 4.44
C TRP B 203 3.72 -3.98 4.88
N GLY B 204 3.95 -2.99 4.03
CA GLY B 204 4.93 -1.95 4.32
C GLY B 204 6.30 -2.19 3.75
N VAL B 205 6.47 -3.16 2.85
CA VAL B 205 7.77 -3.41 2.24
C VAL B 205 8.09 -2.33 1.21
N TYR B 206 7.13 -2.05 0.33
CA TYR B 206 7.32 -1.00 -0.67
C TYR B 206 7.17 0.37 -0.01
N PRO B 207 7.84 1.39 -0.58
CA PRO B 207 8.70 1.40 -1.76
C PRO B 207 10.09 0.82 -1.52
N CYS B 208 10.79 0.44 -2.59
CA CYS B 208 12.11 -0.15 -2.48
C CYS B 208 13.24 0.85 -2.32
N GLY B 209 12.95 2.13 -2.11
CA GLY B 209 14.06 2.95 -1.68
C GLY B 209 13.61 4.08 -0.78
N SER B 210 14.43 4.32 0.24
CA SER B 210 14.23 5.32 1.28
C SER B 210 15.36 5.10 2.28
N ALA B 211 15.62 6.11 3.09
CA ALA B 211 16.55 5.89 4.18
C ALA B 211 16.02 4.77 5.06
N GLN B 212 14.90 5.02 5.75
CA GLN B 212 14.11 3.98 6.40
C GLN B 212 12.63 4.35 6.39
N HIS B 213 11.78 3.34 6.18
CA HIS B 213 10.35 3.33 6.56
C HIS B 213 10.15 1.93 7.09
N PRO B 214 9.38 1.75 8.16
CA PRO B 214 9.21 0.41 8.72
C PRO B 214 8.17 -0.42 8.00
N ALA B 215 8.38 -1.74 8.01
CA ALA B 215 7.39 -2.68 7.56
C ALA B 215 6.39 -2.88 8.69
N VAL B 216 5.20 -3.37 8.35
CA VAL B 216 4.15 -3.59 9.34
C VAL B 216 4.00 -5.09 9.52
N TYR B 217 4.22 -5.57 10.74
CA TYR B 217 4.13 -6.99 11.06
C TYR B 217 2.90 -7.23 11.93
N THR B 218 2.27 -8.38 11.74
CA THR B 218 1.24 -8.82 12.68
C THR B 218 1.89 -9.18 14.00
N GLN B 219 1.34 -8.68 15.10
CA GLN B 219 1.94 -8.93 16.40
C GLN B 219 1.45 -10.30 16.88
N ILE B 220 2.40 -11.24 16.99
CA ILE B 220 2.04 -12.64 17.16
C ILE B 220 1.68 -12.94 18.62
N CYS B 221 2.30 -12.26 19.58
CA CYS B 221 2.04 -12.51 21.00
C CYS B 221 0.59 -12.24 21.38
N LYS B 222 -0.16 -11.54 20.55
CA LYS B 222 -1.58 -11.31 20.80
C LYS B 222 -2.46 -12.42 20.24
N TYR B 223 -1.90 -13.26 19.37
CA TYR B 223 -2.60 -14.33 18.68
C TYR B 223 -2.34 -15.72 19.25
N MET B 224 -1.58 -15.82 20.36
CA MET B 224 -1.09 -17.13 20.82
C MET B 224 -2.20 -18.11 21.17
N SER B 225 -3.36 -17.62 21.63
CA SER B 225 -4.44 -18.55 21.95
C SER B 225 -4.94 -19.27 20.71
N TRP B 226 -5.16 -18.53 19.63
CA TRP B 226 -5.62 -19.15 18.38
C TRP B 226 -4.53 -20.04 17.79
N ILE B 227 -3.27 -19.57 17.81
CA ILE B 227 -2.17 -20.34 17.23
C ILE B 227 -2.05 -21.70 17.92
N ASN B 228 -2.07 -21.71 19.25
CA ASN B 228 -1.90 -22.96 19.99
C ASN B 228 -3.01 -23.96 19.69
N LYS B 229 -4.26 -23.49 19.64
CA LYS B 229 -5.33 -24.47 19.51
C LYS B 229 -5.50 -24.95 18.07
N VAL B 230 -5.04 -24.18 17.09
CA VAL B 230 -4.92 -24.75 15.74
C VAL B 230 -3.81 -25.80 15.72
N ILE B 231 -2.66 -25.49 16.35
CA ILE B 231 -1.60 -26.46 16.51
C ILE B 231 -1.93 -27.55 17.53
N ARG B 232 -2.91 -27.31 18.42
CA ARG B 232 -3.20 -28.21 19.55
C ARG B 232 -2.04 -28.55 20.48
N SER B 233 -1.65 -27.60 21.34
CA SER B 233 -0.91 -27.75 22.59
C SER B 233 0.60 -27.75 22.41
N ASN B 234 1.11 -27.86 21.20
CA ASN B 234 2.55 -27.98 21.01
C ASN B 234 3.20 -26.60 20.91
S SO4 C . 0.03 4.03 -1.14
O1 SO4 C . -0.82 3.56 -0.05
O2 SO4 C . 1.02 3.01 -1.45
O3 SO4 C . -0.80 4.29 -2.29
O4 SO4 C . 0.69 5.27 -0.76
S SO4 D . 13.42 13.59 2.10
O1 SO4 D . 12.82 13.99 3.38
O2 SO4 D . 13.48 12.14 2.00
O3 SO4 D . 12.60 14.12 1.01
O4 SO4 D . 14.76 14.15 2.01
S SO4 E . 3.08 7.66 -22.81
O1 SO4 E . 2.29 8.70 -22.12
O2 SO4 E . 2.65 6.33 -22.42
O3 SO4 E . 4.43 7.81 -22.39
O4 SO4 E . 3.00 7.76 -24.26
S SO4 F . -0.16 -2.32 -9.61
O1 SO4 F . 0.54 -1.99 -8.37
O2 SO4 F . -0.75 -3.65 -9.50
O3 SO4 F . -1.21 -1.33 -9.85
O4 SO4 F . 0.78 -2.32 -10.72
S SO4 G . 3.06 -2.77 0.42
O1 SO4 G . 3.93 -3.81 0.97
O2 SO4 G . 3.22 -1.53 1.16
O3 SO4 G . 1.67 -3.21 0.49
O4 SO4 G . 3.40 -2.54 -0.99
S SO4 H . 2.07 -4.23 23.57
O1 SO4 H . 1.66 -4.96 24.77
O2 SO4 H . 2.02 -2.80 23.85
O3 SO4 H . 1.15 -4.53 22.48
O4 SO4 H . 3.43 -4.61 23.20
S SO4 I . 12.93 -35.64 4.13
O1 SO4 I . 12.27 -34.34 4.27
O2 SO4 I . 12.89 -36.38 5.40
O3 SO4 I . 12.24 -36.40 3.09
O4 SO4 I . 14.32 -35.38 3.73
#